data_6MS7
#
_entry.id   6MS7
#
_cell.length_a   43.620
_cell.length_b   53.890
_cell.length_c   66.720
_cell.angle_alpha   90.00
_cell.angle_beta   107.24
_cell.angle_gamma   90.00
#
_symmetry.space_group_name_H-M   'P 1 21 1'
#
loop_
_entity.id
_entity.type
_entity.pdbx_description
1 polymer 'Peroxisome proliferator-activated receptor gamma'
2 polymer 'PGC1 LXXLL motif'
3 non-polymer '{[(1S)-1-(4-chlorophenyl)octyl]oxy}acetic acid'
4 water water
#
loop_
_entity_poly.entity_id
_entity_poly.type
_entity_poly.pdbx_seq_one_letter_code
_entity_poly.pdbx_strand_id
1 'polypeptide(L)'
;GSPESADLRALAKHLYDSYIKSFPLTKAKARAILTGKTTDKSPFVIYDMNSLMMGEDKIKFKHITPLQEQSKEVAIRIFQ
GCQFRSVEAVQEITEYAKSIPGFVNLDLNDQVTLLKYGVHEIIYTMLASLMNKDGVLISEGQGFMTREFLKSLRKPFGDF
MEPKFEFAVKFNALELDDSDLAIFIAVIILSGDRPGLLNVKPIEDIQDNLLQALELQLKLNHPESSQLFAKLLQKMTDLR
QIVTEHVQLLQVIKKTETDMSLHPLLQEIYKDLY
;
A
2 'polypeptide(L)' PSLLKKLLLAP B
#
# COMPACT_ATOMS: atom_id res chain seq x y z
N GLY A 1 -17.43 -26.10 9.33
CA GLY A 1 -17.37 -27.34 8.58
C GLY A 1 -17.00 -27.10 7.13
N SER A 2 -17.07 -28.15 6.32
CA SER A 2 -16.78 -27.99 4.90
C SER A 2 -17.65 -26.95 4.19
N PRO A 3 -18.94 -26.77 4.52
CA PRO A 3 -19.71 -25.70 3.84
C PRO A 3 -19.16 -24.31 4.12
N GLU A 4 -18.84 -24.02 5.38
CA GLU A 4 -18.18 -22.77 5.73
C GLU A 4 -16.84 -22.63 5.00
N SER A 5 -16.03 -23.69 5.00
CA SER A 5 -14.75 -23.63 4.30
C SER A 5 -14.90 -23.33 2.83
N ALA A 6 -15.86 -23.98 2.15
CA ALA A 6 -16.01 -23.68 0.73
C ALA A 6 -16.34 -22.21 0.51
N ASP A 7 -17.21 -21.65 1.35
CA ASP A 7 -17.56 -20.24 1.28
C ASP A 7 -16.34 -19.35 1.50
N LEU A 8 -15.45 -19.75 2.41
CA LEU A 8 -14.21 -19.01 2.63
C LEU A 8 -13.30 -19.04 1.42
N ARG A 9 -13.26 -20.15 0.69
CA ARG A 9 -12.44 -20.19 -0.51
C ARG A 9 -13.07 -19.35 -1.61
N ALA A 10 -14.41 -19.35 -1.71
CA ALA A 10 -15.05 -18.50 -2.71
C ALA A 10 -14.81 -17.03 -2.39
N LEU A 11 -14.79 -16.67 -1.10
CA LEU A 11 -14.51 -15.30 -0.73
C LEU A 11 -13.08 -14.93 -1.07
N ALA A 12 -12.12 -15.82 -0.76
CA ALA A 12 -10.73 -15.60 -1.13
C ALA A 12 -10.58 -15.37 -2.63
N LYS A 13 -11.26 -16.19 -3.44
CA LYS A 13 -11.15 -16.03 -4.89
C LYS A 13 -11.77 -14.71 -5.36
N HIS A 14 -12.94 -14.37 -4.82
CA HIS A 14 -13.55 -13.09 -5.16
C HIS A 14 -12.62 -11.92 -4.87
N LEU A 15 -11.98 -11.94 -3.71
CA LEU A 15 -11.03 -10.90 -3.35
C LEU A 15 -9.84 -10.86 -4.31
N TYR A 16 -9.28 -12.02 -4.64
CA TYR A 16 -8.19 -12.05 -5.59
C TYR A 16 -8.62 -11.45 -6.93
N ASP A 17 -9.78 -11.86 -7.45
CA ASP A 17 -10.21 -11.34 -8.75
C ASP A 17 -10.41 -9.84 -8.69
N SER A 18 -10.92 -9.33 -7.57
CA SER A 18 -11.15 -7.90 -7.41
C SER A 18 -9.82 -7.16 -7.28
N TYR A 19 -8.86 -7.77 -6.57
CA TYR A 19 -7.53 -7.22 -6.44
C TYR A 19 -6.86 -7.09 -7.81
N ILE A 20 -6.97 -8.12 -8.64
CA ILE A 20 -6.41 -8.04 -9.99
C ILE A 20 -7.05 -6.89 -10.78
N LYS A 21 -8.35 -6.66 -10.55
CA LYS A 21 -9.02 -5.58 -11.30
C LYS A 21 -8.61 -4.20 -10.80
N SER A 22 -8.24 -4.09 -9.54
CA SER A 22 -8.01 -2.81 -8.90
C SER A 22 -6.57 -2.33 -9.01
N PHE A 23 -5.60 -3.25 -9.07
CA PHE A 23 -4.19 -2.87 -8.97
C PHE A 23 -3.47 -3.23 -10.26
N PRO A 24 -3.01 -2.22 -11.01
CA PRO A 24 -2.40 -2.48 -12.32
C PRO A 24 -1.18 -3.37 -12.27
N LEU A 25 -0.31 -3.16 -11.31
CA LEU A 25 0.92 -3.94 -11.20
C LEU A 25 0.82 -4.83 -9.96
N THR A 26 0.67 -6.13 -10.18
CA THR A 26 0.57 -7.13 -9.13
C THR A 26 1.96 -7.50 -8.63
N LYS A 27 2.01 -8.22 -7.50
CA LYS A 27 3.28 -8.72 -7.01
C LYS A 27 3.93 -9.69 -8.01
N ALA A 28 3.14 -10.58 -8.60
CA ALA A 28 3.77 -11.55 -9.49
C ALA A 28 4.48 -10.83 -10.62
N LYS A 29 3.85 -9.81 -11.20
CA LYS A 29 4.49 -9.09 -12.30
C LYS A 29 5.68 -8.29 -11.80
N ALA A 30 5.54 -7.66 -10.63
CA ALA A 30 6.64 -6.90 -10.07
C ALA A 30 7.87 -7.77 -9.81
N ARG A 31 7.67 -8.97 -9.25
CA ARG A 31 8.83 -9.81 -8.93
C ARG A 31 9.51 -10.28 -10.21
N ALA A 32 8.73 -10.57 -11.24
CA ALA A 32 9.31 -10.95 -12.53
C ALA A 32 10.21 -9.84 -13.05
N ILE A 33 9.75 -8.60 -12.97
CA ILE A 33 10.58 -7.46 -13.40
C ILE A 33 11.83 -7.35 -12.53
N LEU A 34 11.66 -7.46 -11.21
CA LEU A 34 12.79 -7.32 -10.29
C LEU A 34 13.85 -8.40 -10.52
N THR A 35 13.43 -9.65 -10.59
CA THR A 35 14.35 -10.76 -10.84
C THR A 35 14.80 -10.82 -12.29
N GLY A 36 14.33 -9.91 -13.14
CA GLY A 36 14.75 -9.86 -14.52
C GLY A 36 14.16 -10.92 -15.40
N LYS A 37 13.08 -11.58 -14.97
CA LYS A 37 12.48 -12.67 -15.73
C LYS A 37 11.42 -12.23 -16.70
N THR A 38 11.34 -10.95 -17.01
CA THR A 38 10.28 -10.52 -17.90
C THR A 38 10.86 -10.38 -19.29
N THR A 39 9.98 -10.36 -20.26
CA THR A 39 10.38 -10.06 -21.63
C THR A 39 10.18 -8.58 -21.96
N ASP A 40 9.40 -7.89 -21.13
CA ASP A 40 9.09 -6.48 -21.34
C ASP A 40 10.34 -5.62 -21.14
N LYS A 41 10.21 -4.37 -21.58
CA LYS A 41 11.29 -3.40 -21.56
C LYS A 41 11.86 -3.23 -20.14
N SER A 42 13.19 -3.14 -20.06
CA SER A 42 13.84 -3.07 -18.76
C SER A 42 13.54 -1.75 -18.08
N PRO A 43 13.35 -1.74 -16.76
CA PRO A 43 13.20 -0.47 -16.04
C PRO A 43 14.46 0.36 -16.18
N PHE A 44 14.28 1.68 -16.21
CA PHE A 44 15.41 2.58 -16.20
C PHE A 44 15.88 2.73 -14.75
N VAL A 45 17.16 2.47 -14.50
CA VAL A 45 17.69 2.48 -13.14
C VAL A 45 18.15 3.88 -12.79
N ILE A 46 17.64 4.40 -11.67
CA ILE A 46 18.01 5.71 -11.17
C ILE A 46 18.82 5.48 -9.91
N TYR A 47 20.12 5.74 -9.98
CA TYR A 47 21.02 5.51 -8.87
C TYR A 47 21.83 6.73 -8.46
N ASP A 48 21.72 7.85 -9.19
CA ASP A 48 22.50 9.03 -8.86
C ASP A 48 21.82 10.21 -9.56
N MET A 49 22.37 11.42 -9.41
CA MET A 49 21.68 12.57 -9.96
C MET A 49 21.68 12.55 -11.48
N ASN A 50 22.76 12.08 -12.09
CA ASN A 50 22.86 12.04 -13.55
C ASN A 50 21.80 11.11 -14.13
N SER A 51 21.65 9.91 -13.55
CA SER A 51 20.65 8.97 -14.04
C SER A 51 19.23 9.43 -13.77
N LEU A 52 19.00 10.15 -12.67
CA LEU A 52 17.68 10.74 -12.45
C LEU A 52 17.33 11.73 -13.56
N MET A 53 18.28 12.60 -13.92
CA MET A 53 18.04 13.53 -15.00
C MET A 53 17.74 12.79 -16.31
N MET A 54 18.59 11.82 -16.66
CA MET A 54 18.40 11.05 -17.89
C MET A 54 17.08 10.28 -17.86
N GLY A 55 16.81 9.60 -16.75
CA GLY A 55 15.67 8.72 -16.64
C GLY A 55 14.36 9.41 -16.45
N GLU A 56 14.40 10.72 -16.22
CA GLU A 56 13.23 11.47 -15.82
C GLU A 56 12.06 11.25 -16.78
N ASP A 57 12.35 11.28 -18.09
CA ASP A 57 11.32 11.04 -19.09
C ASP A 57 10.80 9.60 -19.06
N LYS A 58 11.65 8.62 -18.72
CA LYS A 58 11.14 7.25 -18.59
C LYS A 58 10.19 7.09 -17.40
N ILE A 59 10.39 7.84 -16.33
CA ILE A 59 9.68 7.60 -15.07
C ILE A 59 8.57 8.61 -14.79
N LYS A 60 8.34 9.56 -15.69
CA LYS A 60 7.33 10.59 -15.45
C LYS A 60 5.97 9.96 -15.16
N PHE A 61 5.27 10.53 -14.17
CA PHE A 61 3.97 9.98 -13.75
C PHE A 61 2.80 10.48 -14.59
N GLU A 69 7.04 23.56 -15.04
CA GLU A 69 8.06 22.54 -15.23
C GLU A 69 8.93 22.42 -13.94
N GLN A 70 10.22 22.08 -14.00
CA GLN A 70 10.96 21.78 -12.77
C GLN A 70 12.22 22.61 -12.54
N SER A 71 12.12 23.63 -11.67
CA SER A 71 13.27 24.32 -11.10
C SER A 71 13.47 24.07 -9.61
N LYS A 72 12.53 23.42 -8.95
CA LYS A 72 12.62 23.14 -7.52
C LYS A 72 13.72 22.12 -7.26
N GLU A 73 14.27 22.14 -6.03
CA GLU A 73 15.36 21.20 -5.75
C GLU A 73 14.87 19.76 -5.84
N VAL A 74 15.82 18.87 -6.13
CA VAL A 74 15.52 17.50 -6.49
C VAL A 74 14.78 16.75 -5.38
N ALA A 75 15.25 16.89 -4.13
CA ALA A 75 14.57 16.20 -3.03
C ALA A 75 13.10 16.62 -2.94
N ILE A 76 12.82 17.90 -3.12
CA ILE A 76 11.44 18.38 -3.08
C ILE A 76 10.66 17.86 -4.29
N ARG A 77 11.31 17.81 -5.46
CA ARG A 77 10.65 17.29 -6.64
C ARG A 77 10.25 15.83 -6.50
N ILE A 78 11.13 15.02 -5.90
CA ILE A 78 10.78 13.62 -5.62
C ILE A 78 9.63 13.56 -4.61
N PHE A 79 9.68 14.41 -3.59
CA PHE A 79 8.63 14.49 -2.58
C PHE A 79 7.27 14.75 -3.22
N GLN A 80 7.18 15.78 -4.08
CA GLN A 80 5.91 16.08 -4.76
C GLN A 80 5.44 14.92 -5.63
N GLY A 81 6.34 14.38 -6.46
CA GLY A 81 5.97 13.24 -7.29
C GLY A 81 5.40 12.09 -6.49
N CYS A 82 6.00 11.81 -5.33
CA CYS A 82 5.48 10.77 -4.46
C CYS A 82 4.03 10.99 -4.05
N GLN A 83 3.60 12.25 -3.87
CA GLN A 83 2.22 12.46 -3.44
C GLN A 83 1.26 12.00 -4.52
N PHE A 84 1.58 12.29 -5.78
CA PHE A 84 0.68 11.93 -6.86
C PHE A 84 0.60 10.41 -7.00
N ARG A 85 1.71 9.71 -6.77
CA ARG A 85 1.71 8.25 -6.79
C ARG A 85 0.88 7.73 -5.61
N SER A 86 1.01 8.38 -4.46
CA SER A 86 0.24 8.00 -3.28
C SER A 86 -1.24 8.22 -3.54
N VAL A 87 -1.58 9.34 -4.18
CA VAL A 87 -2.99 9.62 -4.46
C VAL A 87 -3.54 8.58 -5.43
N GLU A 88 -2.76 8.20 -6.44
CA GLU A 88 -3.18 7.10 -7.32
C GLU A 88 -3.43 5.83 -6.53
N ALA A 89 -2.55 5.50 -5.58
CA ALA A 89 -2.72 4.30 -4.78
C ALA A 89 -4.00 4.37 -3.96
N VAL A 90 -4.29 5.53 -3.35
CA VAL A 90 -5.54 5.70 -2.61
C VAL A 90 -6.72 5.39 -3.51
N GLN A 91 -6.70 5.88 -4.75
CA GLN A 91 -7.82 5.62 -5.64
C GLN A 91 -7.97 4.13 -5.94
N GLU A 92 -6.86 3.43 -6.17
CA GLU A 92 -6.93 2.01 -6.44
C GLU A 92 -7.42 1.25 -5.22
N ILE A 93 -6.92 1.64 -4.05
CA ILE A 93 -7.31 0.93 -2.83
C ILE A 93 -8.79 1.16 -2.53
N THR A 94 -9.30 2.37 -2.83
CA THR A 94 -10.72 2.63 -2.61
C THR A 94 -11.56 1.75 -3.52
N GLU A 95 -11.15 1.61 -4.79
CA GLU A 95 -11.86 0.69 -5.68
C GLU A 95 -11.85 -0.72 -5.13
N TYR A 96 -10.70 -1.15 -4.61
CA TYR A 96 -10.64 -2.49 -4.03
C TYR A 96 -11.56 -2.62 -2.82
N ALA A 97 -11.55 -1.62 -1.94
CA ALA A 97 -12.39 -1.70 -0.74
C ALA A 97 -13.87 -1.87 -1.11
N LYS A 98 -14.31 -1.19 -2.17
CA LYS A 98 -15.71 -1.25 -2.58
C LYS A 98 -16.09 -2.63 -3.10
N SER A 99 -15.11 -3.46 -3.44
CA SER A 99 -15.34 -4.84 -3.85
C SER A 99 -15.41 -5.81 -2.68
N ILE A 100 -15.06 -5.40 -1.47
CA ILE A 100 -15.09 -6.34 -0.36
C ILE A 100 -16.56 -6.54 0.04
N PRO A 101 -17.06 -7.78 0.06
CA PRO A 101 -18.50 -7.97 0.34
C PRO A 101 -18.88 -7.36 1.67
N GLY A 102 -19.97 -6.58 1.66
CA GLY A 102 -20.43 -5.87 2.84
C GLY A 102 -19.95 -4.44 2.97
N PHE A 103 -18.84 -4.07 2.31
CA PHE A 103 -18.25 -2.76 2.55
C PHE A 103 -19.16 -1.63 2.10
N VAL A 104 -19.74 -1.72 0.89
CA VAL A 104 -20.52 -0.59 0.43
C VAL A 104 -21.84 -0.46 1.16
N ASN A 105 -22.26 -1.49 1.89
CA ASN A 105 -23.46 -1.37 2.72
C ASN A 105 -23.18 -0.76 4.08
N LEU A 106 -21.92 -0.59 4.46
CA LEU A 106 -21.64 0.09 5.70
C LEU A 106 -22.06 1.55 5.59
N ASP A 107 -22.36 2.14 6.75
CA ASP A 107 -22.52 3.58 6.84
C ASP A 107 -21.43 4.31 6.07
N LEU A 108 -21.82 5.28 5.25
CA LEU A 108 -20.86 5.91 4.35
C LEU A 108 -19.77 6.67 5.09
N ASN A 109 -20.10 7.29 6.22
CA ASN A 109 -19.07 7.94 7.00
C ASN A 109 -18.09 6.92 7.58
N ASP A 110 -18.57 5.72 7.91
CA ASP A 110 -17.63 4.69 8.35
C ASP A 110 -16.75 4.18 7.22
N GLN A 111 -17.27 4.11 5.98
CA GLN A 111 -16.41 3.74 4.87
C GLN A 111 -15.28 4.76 4.73
N VAL A 112 -15.61 6.05 4.85
CA VAL A 112 -14.59 7.09 4.77
C VAL A 112 -13.56 6.89 5.86
N THR A 113 -14.02 6.68 7.09
CA THR A 113 -13.11 6.48 8.21
C THR A 113 -12.18 5.30 7.97
N LEU A 114 -12.72 4.18 7.50
CA LEU A 114 -11.89 3.02 7.24
C LEU A 114 -10.81 3.33 6.22
N LEU A 115 -11.16 4.03 5.14
CA LEU A 115 -10.13 4.36 4.16
C LEU A 115 -9.16 5.39 4.72
N LYS A 116 -9.65 6.42 5.40
CA LYS A 116 -8.78 7.48 5.92
C LYS A 116 -7.67 6.90 6.77
N TYR A 117 -8.02 5.99 7.67
CA TYR A 117 -7.04 5.47 8.62
C TYR A 117 -6.35 4.18 8.17
N GLY A 118 -6.85 3.53 7.12
CA GLY A 118 -6.28 2.29 6.64
C GLY A 118 -5.46 2.38 5.37
N VAL A 119 -5.66 3.41 4.55
CA VAL A 119 -5.07 3.40 3.21
C VAL A 119 -3.55 3.36 3.24
N HIS A 120 -2.92 4.07 4.19
CA HIS A 120 -1.46 4.06 4.18
C HIS A 120 -0.87 2.72 4.60
N GLU A 121 -1.51 2.02 5.52
CA GLU A 121 -1.06 0.67 5.86
C GLU A 121 -1.12 -0.21 4.63
N ILE A 122 -2.12 -0.02 3.78
CA ILE A 122 -2.21 -0.79 2.54
C ILE A 122 -1.14 -0.33 1.56
N ILE A 123 -0.91 0.99 1.47
CA ILE A 123 0.15 1.47 0.57
C ILE A 123 1.48 0.83 0.91
N TYR A 124 1.83 0.80 2.19
CA TYR A 124 3.14 0.24 2.56
C TYR A 124 3.18 -1.26 2.31
N THR A 125 2.04 -1.96 2.46
CA THR A 125 2.01 -3.38 2.15
C THR A 125 2.27 -3.61 0.68
N MET A 126 1.58 -2.85 -0.17
CA MET A 126 1.72 -3.07 -1.60
C MET A 126 3.05 -2.54 -2.11
N LEU A 127 3.58 -1.51 -1.47
CA LEU A 127 4.92 -1.02 -1.81
C LEU A 127 5.96 -2.11 -1.62
N ALA A 128 5.79 -2.96 -0.60
CA ALA A 128 6.76 -4.02 -0.38
C ALA A 128 6.87 -4.91 -1.62
N SER A 129 5.75 -5.13 -2.31
CA SER A 129 5.79 -5.97 -3.52
C SER A 129 6.72 -5.39 -4.58
N LEU A 130 6.91 -4.07 -4.57
CA LEU A 130 7.71 -3.37 -5.56
C LEU A 130 9.17 -3.24 -5.13
N MET A 131 9.52 -3.74 -3.94
CA MET A 131 10.81 -3.49 -3.33
C MET A 131 11.63 -4.76 -3.20
N ASN A 132 12.93 -4.59 -3.36
CA ASN A 132 13.90 -5.55 -2.85
C ASN A 132 14.89 -4.76 -2.00
N LYS A 133 15.93 -5.45 -1.49
CA LYS A 133 16.81 -4.80 -0.55
C LYS A 133 17.62 -3.67 -1.18
N ASP A 134 17.66 -3.61 -2.52
CA ASP A 134 18.45 -2.64 -3.25
C ASP A 134 17.69 -1.49 -3.87
N GLY A 135 16.36 -1.54 -3.94
CA GLY A 135 15.64 -0.43 -4.55
C GLY A 135 14.18 -0.77 -4.75
N VAL A 136 13.48 0.16 -5.43
CA VAL A 136 12.04 0.10 -5.58
C VAL A 136 11.63 0.35 -7.03
N LEU A 137 10.71 -0.47 -7.52
CA LEU A 137 10.21 -0.36 -8.88
C LEU A 137 9.16 0.75 -8.88
N ILE A 138 9.31 1.70 -9.78
CA ILE A 138 8.43 2.87 -9.81
C ILE A 138 7.83 3.00 -11.22
N SER A 139 6.74 3.75 -11.28
CA SER A 139 6.07 4.08 -12.54
C SER A 139 5.59 2.82 -13.25
N GLU A 140 4.92 1.95 -12.49
CA GLU A 140 4.40 0.68 -12.98
C GLU A 140 5.47 -0.12 -13.73
N GLY A 141 6.65 -0.22 -13.11
CA GLY A 141 7.72 -1.03 -13.65
C GLY A 141 8.63 -0.33 -14.64
N GLN A 142 8.39 0.94 -14.94
CA GLN A 142 9.21 1.62 -15.95
C GLN A 142 10.51 2.16 -15.37
N GLY A 143 10.63 2.24 -14.05
CA GLY A 143 11.85 2.72 -13.43
C GLY A 143 12.18 1.89 -12.21
N PHE A 144 13.42 2.00 -11.77
CA PHE A 144 13.87 1.35 -10.54
C PHE A 144 14.79 2.34 -9.86
N MET A 145 14.39 2.83 -8.70
CA MET A 145 15.16 3.81 -7.96
C MET A 145 15.87 3.10 -6.82
N THR A 146 17.18 3.28 -6.73
CA THR A 146 17.93 2.52 -5.75
C THR A 146 17.67 3.03 -4.34
N ARG A 147 17.74 2.10 -3.39
CA ARG A 147 17.63 2.41 -1.98
C ARG A 147 18.73 3.38 -1.55
N GLU A 148 19.95 3.21 -2.06
CA GLU A 148 21.04 4.11 -1.70
C GLU A 148 20.78 5.53 -2.22
N PHE A 149 20.26 5.66 -3.44
CA PHE A 149 19.92 6.97 -3.95
C PHE A 149 18.91 7.69 -3.06
N LEU A 150 17.83 7.01 -2.70
CA LEU A 150 16.82 7.64 -1.85
C LEU A 150 17.38 7.99 -0.49
N LYS A 151 18.22 7.10 0.05
CA LYS A 151 18.88 7.36 1.33
C LYS A 151 19.77 8.60 1.25
N SER A 152 20.32 8.90 0.07
CA SER A 152 21.27 9.99 -0.10
C SER A 152 20.62 11.37 -0.19
N LEU A 153 19.30 11.43 -0.38
CA LEU A 153 18.64 12.73 -0.48
C LEU A 153 18.88 13.55 0.78
N ARG A 154 18.94 14.86 0.59
CA ARG A 154 19.34 15.76 1.66
C ARG A 154 18.38 15.65 2.85
N LYS A 155 18.95 15.71 4.04
CA LYS A 155 18.19 15.51 5.26
C LYS A 155 17.04 16.53 5.33
N PRO A 156 15.84 16.11 5.75
CA PRO A 156 15.51 14.74 6.20
C PRO A 156 14.81 13.91 5.13
N PHE A 157 14.81 14.37 3.88
CA PHE A 157 14.12 13.64 2.81
C PHE A 157 14.63 12.21 2.63
N GLY A 158 15.91 11.95 2.94
CA GLY A 158 16.52 10.63 2.83
C GLY A 158 16.09 9.62 3.87
N ASP A 159 15.27 10.07 4.83
CA ASP A 159 14.74 9.32 5.97
C ASP A 159 13.35 8.72 5.74
N PHE A 160 12.66 9.10 4.66
CA PHE A 160 11.30 8.65 4.43
C PHE A 160 11.22 7.19 4.01
N MET A 161 12.03 6.77 3.03
CA MET A 161 11.81 5.47 2.42
C MET A 161 12.48 4.33 3.19
N GLU A 162 13.59 4.62 3.88
CA GLU A 162 14.35 3.56 4.51
C GLU A 162 13.52 2.68 5.45
N PRO A 163 12.63 3.20 6.30
CA PRO A 163 11.84 2.28 7.15
C PRO A 163 10.90 1.42 6.34
N LYS A 164 10.48 1.89 5.18
CA LYS A 164 9.63 1.08 4.32
C LYS A 164 10.44 -0.05 3.68
N PHE A 165 11.69 0.22 3.27
CA PHE A 165 12.56 -0.86 2.82
C PHE A 165 12.81 -1.87 3.92
N GLU A 166 13.05 -1.40 5.14
CA GLU A 166 13.29 -2.32 6.26
C GLU A 166 12.09 -3.22 6.49
N PHE A 167 10.90 -2.65 6.48
CA PHE A 167 9.69 -3.46 6.57
C PHE A 167 9.60 -4.45 5.41
N ALA A 168 9.84 -3.96 4.19
CA ALA A 168 9.61 -4.78 3.00
C ALA A 168 10.50 -6.01 2.97
N VAL A 169 11.76 -5.87 3.35
CA VAL A 169 12.65 -7.01 3.22
C VAL A 169 12.19 -8.14 4.14
N LYS A 170 11.77 -7.80 5.36
CA LYS A 170 11.25 -8.79 6.28
C LYS A 170 9.89 -9.31 5.84
N PHE A 171 9.02 -8.42 5.35
CA PHE A 171 7.71 -8.84 4.90
C PHE A 171 7.82 -9.78 3.69
N ASN A 172 8.69 -9.43 2.73
CA ASN A 172 8.86 -10.24 1.54
C ASN A 172 9.46 -11.60 1.84
N ALA A 173 10.18 -11.75 2.96
CA ALA A 173 10.71 -13.05 3.36
C ALA A 173 9.60 -14.04 3.70
N LEU A 174 8.38 -13.56 3.94
CA LEU A 174 7.25 -14.45 4.17
C LEU A 174 6.70 -15.05 2.88
N GLU A 175 7.12 -14.54 1.72
CA GLU A 175 6.80 -15.13 0.42
C GLU A 175 5.29 -15.18 0.12
N LEU A 176 4.57 -14.14 0.54
CA LEU A 176 3.15 -14.12 0.25
C LEU A 176 2.94 -13.89 -1.24
N ASP A 177 1.87 -14.44 -1.77
CA ASP A 177 1.50 -14.18 -3.17
C ASP A 177 0.32 -13.23 -3.22
N ASP A 178 -0.08 -12.90 -4.45
CA ASP A 178 -1.18 -11.96 -4.62
C ASP A 178 -2.48 -12.47 -3.99
N SER A 179 -2.72 -13.79 -4.01
CA SER A 179 -3.93 -14.32 -3.41
C SER A 179 -3.93 -14.14 -1.90
N ASP A 180 -2.77 -14.35 -1.28
CA ASP A 180 -2.65 -14.10 0.15
C ASP A 180 -2.84 -12.60 0.44
N LEU A 181 -2.19 -11.75 -0.37
CA LEU A 181 -2.21 -10.30 -0.13
C LEU A 181 -3.61 -9.73 -0.24
N ALA A 182 -4.42 -10.24 -1.17
CA ALA A 182 -5.77 -9.70 -1.34
C ALA A 182 -6.56 -9.84 -0.04
N ILE A 183 -6.41 -10.96 0.66
CA ILE A 183 -7.17 -11.14 1.89
C ILE A 183 -6.55 -10.32 3.02
N PHE A 184 -5.21 -10.33 3.10
CA PHE A 184 -4.50 -9.56 4.12
C PHE A 184 -4.92 -8.10 4.07
N ILE A 185 -4.95 -7.50 2.87
CA ILE A 185 -5.28 -6.08 2.84
C ILE A 185 -6.75 -5.84 3.15
N ALA A 186 -7.62 -6.79 2.80
CA ALA A 186 -9.03 -6.63 3.15
C ALA A 186 -9.23 -6.64 4.65
N VAL A 187 -8.51 -7.53 5.34
CA VAL A 187 -8.57 -7.57 6.80
C VAL A 187 -8.21 -6.20 7.38
N ILE A 188 -7.13 -5.61 6.88
CA ILE A 188 -6.67 -4.34 7.44
C ILE A 188 -7.71 -3.25 7.20
N ILE A 189 -8.29 -3.20 6.00
CA ILE A 189 -9.28 -2.16 5.72
C ILE A 189 -10.45 -2.24 6.70
N LEU A 190 -10.88 -3.46 7.03
CA LEU A 190 -12.04 -3.70 7.88
C LEU A 190 -11.65 -3.74 9.36
N SER A 191 -10.91 -2.74 9.81
CA SER A 191 -10.45 -2.65 11.20
C SER A 191 -11.46 -1.88 12.02
N GLY A 192 -12.07 -2.55 13.00
CA GLY A 192 -13.09 -1.95 13.82
C GLY A 192 -12.61 -0.98 14.87
N ASP A 193 -11.30 -0.79 14.99
CA ASP A 193 -10.74 0.10 16.01
C ASP A 193 -10.32 1.46 15.49
N ARG A 194 -10.67 1.80 14.24
CA ARG A 194 -10.31 3.12 13.73
C ARG A 194 -11.06 4.23 14.47
N PRO A 195 -10.43 5.39 14.68
CA PRO A 195 -11.08 6.44 15.48
C PRO A 195 -12.36 6.95 14.83
N GLY A 196 -13.42 7.05 15.64
CA GLY A 196 -14.62 7.71 15.18
C GLY A 196 -15.58 6.83 14.39
N LEU A 197 -15.36 5.51 14.34
CA LEU A 197 -16.32 4.65 13.67
C LEU A 197 -17.65 4.70 14.42
N LEU A 198 -18.74 4.81 13.65
CA LEU A 198 -20.07 4.94 14.23
C LEU A 198 -20.70 3.60 14.59
N ASN A 199 -20.44 2.55 13.79
CA ASN A 199 -21.04 1.23 14.04
C ASN A 199 -19.97 0.17 13.86
N VAL A 200 -19.37 -0.23 14.97
CA VAL A 200 -18.21 -1.11 14.90
C VAL A 200 -18.63 -2.56 14.63
N LYS A 201 -19.78 -2.99 15.15
CA LYS A 201 -20.13 -4.40 15.03
C LYS A 201 -20.20 -4.92 13.60
N PRO A 202 -20.83 -4.24 12.64
CA PRO A 202 -20.85 -4.82 11.28
C PRO A 202 -19.47 -4.88 10.67
N ILE A 203 -18.59 -3.97 11.04
CA ILE A 203 -17.22 -3.98 10.53
C ILE A 203 -16.47 -5.19 11.07
N GLU A 204 -16.60 -5.46 12.38
CA GLU A 204 -15.89 -6.60 12.94
C GLU A 204 -16.50 -7.91 12.46
N ASP A 205 -17.80 -7.92 12.17
CA ASP A 205 -18.42 -9.14 11.63
C ASP A 205 -17.82 -9.47 10.27
N ILE A 206 -17.67 -8.46 9.41
CA ILE A 206 -16.98 -8.66 8.13
C ILE A 206 -15.54 -9.07 8.38
N GLN A 207 -14.84 -8.38 9.28
CA GLN A 207 -13.43 -8.68 9.47
C GLN A 207 -13.25 -10.09 10.00
N ASP A 208 -14.14 -10.55 10.89
CA ASP A 208 -13.99 -11.90 11.44
C ASP A 208 -14.04 -12.92 10.32
N ASN A 209 -14.93 -12.71 9.37
CA ASN A 209 -15.04 -13.63 8.25
C ASN A 209 -13.81 -13.55 7.36
N LEU A 210 -13.29 -12.34 7.14
CA LEU A 210 -12.04 -12.18 6.39
C LEU A 210 -10.87 -12.84 7.08
N LEU A 211 -10.82 -12.75 8.42
CA LEU A 211 -9.74 -13.40 9.15
C LEU A 211 -9.83 -14.91 9.04
N GLN A 212 -11.04 -15.48 9.08
CA GLN A 212 -11.15 -16.91 8.84
C GLN A 212 -10.71 -17.26 7.43
N ALA A 213 -11.06 -16.42 6.43
CA ALA A 213 -10.63 -16.68 5.07
C ALA A 213 -9.12 -16.60 4.95
N LEU A 214 -8.50 -15.65 5.66
CA LEU A 214 -7.05 -15.53 5.62
C LEU A 214 -6.38 -16.73 6.24
N GLU A 215 -6.86 -17.18 7.40
CA GLU A 215 -6.23 -18.34 8.03
C GLU A 215 -6.32 -19.59 7.17
N LEU A 216 -7.45 -19.81 6.51
CA LEU A 216 -7.58 -21.00 5.67
C LEU A 216 -6.70 -20.87 4.43
N GLN A 217 -6.66 -19.66 3.85
CA GLN A 217 -5.77 -19.37 2.73
C GLN A 217 -4.32 -19.71 3.06
N LEU A 218 -3.85 -19.30 4.23
CA LEU A 218 -2.46 -19.52 4.60
C LEU A 218 -2.18 -21.00 4.88
N LYS A 219 -3.14 -21.69 5.50
CA LYS A 219 -2.96 -23.12 5.78
C LYS A 219 -2.88 -23.92 4.50
N LEU A 220 -3.69 -23.58 3.50
CA LEU A 220 -3.71 -24.30 2.23
C LEU A 220 -2.56 -23.90 1.32
N ASN A 221 -2.27 -22.60 1.22
CA ASN A 221 -1.28 -22.08 0.28
C ASN A 221 0.14 -22.15 0.83
N HIS A 222 0.29 -22.15 2.17
CA HIS A 222 1.60 -22.20 2.84
C HIS A 222 1.57 -23.26 3.94
N PRO A 223 1.32 -24.52 3.58
CA PRO A 223 1.14 -25.56 4.62
C PRO A 223 2.37 -25.78 5.47
N GLU A 224 3.56 -25.45 4.97
CA GLU A 224 4.79 -25.68 5.71
C GLU A 224 5.26 -24.45 6.48
N SER A 225 4.53 -23.34 6.44
CA SER A 225 4.95 -22.08 7.05
C SER A 225 4.25 -21.97 8.40
N SER A 226 4.96 -22.38 9.45
CA SER A 226 4.35 -22.49 10.76
C SER A 226 4.03 -21.11 11.30
N GLN A 227 2.81 -20.97 11.82
CA GLN A 227 2.30 -19.74 12.42
C GLN A 227 2.40 -18.53 11.49
N LEU A 228 2.28 -18.75 10.18
CA LEU A 228 2.26 -17.63 9.25
C LEU A 228 1.14 -16.66 9.57
N PHE A 229 -0.03 -17.18 9.94
CA PHE A 229 -1.16 -16.32 10.30
C PHE A 229 -0.81 -15.40 11.45
N ALA A 230 -0.26 -15.96 12.53
CA ALA A 230 0.19 -15.13 13.65
C ALA A 230 1.21 -14.10 13.20
N LYS A 231 2.14 -14.48 12.31
CA LYS A 231 3.11 -13.51 11.81
C LYS A 231 2.41 -12.37 11.06
N LEU A 232 1.38 -12.68 10.27
CA LEU A 232 0.71 -11.61 9.55
C LEU A 232 -0.08 -10.70 10.48
N LEU A 233 -0.65 -11.24 11.58
CA LEU A 233 -1.30 -10.33 12.53
C LEU A 233 -0.28 -9.36 13.10
N GLN A 234 0.94 -9.84 13.34
CA GLN A 234 1.98 -8.95 13.83
C GLN A 234 2.40 -7.93 12.78
N LYS A 235 2.48 -8.33 11.52
CA LYS A 235 2.77 -7.34 10.49
C LYS A 235 1.72 -6.23 10.46
N MET A 236 0.46 -6.55 10.75
CA MET A 236 -0.55 -5.50 10.79
C MET A 236 -0.21 -4.45 11.83
N THR A 237 0.23 -4.90 13.01
CA THR A 237 0.70 -3.98 14.03
C THR A 237 1.93 -3.21 13.57
N ASP A 238 2.87 -3.90 12.92
CA ASP A 238 4.07 -3.21 12.44
C ASP A 238 3.72 -2.10 11.46
N LEU A 239 2.71 -2.33 10.62
CA LEU A 239 2.34 -1.33 9.63
C LEU A 239 1.78 -0.09 10.30
N ARG A 240 1.09 -0.25 11.42
CA ARG A 240 0.60 0.92 12.12
C ARG A 240 1.76 1.75 12.66
N GLN A 241 2.85 1.09 13.07
CA GLN A 241 4.02 1.80 13.54
C GLN A 241 4.70 2.56 12.41
N ILE A 242 4.79 1.95 11.22
CA ILE A 242 5.31 2.67 10.06
C ILE A 242 4.51 3.94 9.82
N VAL A 243 3.18 3.85 9.87
CA VAL A 243 2.35 5.04 9.66
C VAL A 243 2.67 6.11 10.69
N THR A 244 2.73 5.72 11.97
CA THR A 244 3.01 6.69 13.04
C THR A 244 4.33 7.38 12.79
N GLU A 245 5.35 6.63 12.38
CA GLU A 245 6.66 7.23 12.14
C GLU A 245 6.63 8.14 10.91
N HIS A 246 5.87 7.75 9.89
CA HIS A 246 5.77 8.56 8.69
C HIS A 246 5.09 9.90 9.01
N VAL A 247 4.03 9.87 9.81
CA VAL A 247 3.37 11.10 10.23
C VAL A 247 4.34 12.00 10.98
N GLN A 248 5.16 11.40 11.85
CA GLN A 248 6.13 12.19 12.60
C GLN A 248 7.11 12.89 11.66
N LEU A 249 7.58 12.19 10.62
CA LEU A 249 8.49 12.80 9.65
C LEU A 249 7.79 13.91 8.88
N LEU A 250 6.51 13.72 8.55
CA LEU A 250 5.76 14.77 7.87
C LEU A 250 5.66 16.02 8.72
N GLN A 251 5.47 15.84 10.04
CA GLN A 251 5.41 16.99 10.93
C GLN A 251 6.72 17.77 10.88
N VAL A 252 7.85 17.07 10.85
CA VAL A 252 9.16 17.72 10.72
C VAL A 252 9.21 18.55 9.45
N ILE A 253 8.87 17.95 8.31
CA ILE A 253 8.92 18.68 7.04
C ILE A 253 8.04 19.92 7.12
N LYS A 254 6.88 19.79 7.75
CA LYS A 254 5.95 20.91 7.83
C LYS A 254 6.54 22.03 8.69
N LYS A 255 7.27 21.67 9.74
CA LYS A 255 7.96 22.65 10.57
C LYS A 255 9.24 23.20 9.95
N THR A 256 9.94 22.40 9.13
CA THR A 256 11.25 22.80 8.61
C THR A 256 11.18 23.39 7.21
N GLU A 257 10.39 22.81 6.32
CA GLU A 257 10.47 23.20 4.92
C GLU A 257 9.44 24.28 4.66
N THR A 258 9.76 25.17 3.73
CA THR A 258 9.10 26.48 3.71
C THR A 258 7.67 26.44 3.16
N ASP A 259 7.50 25.99 1.91
CA ASP A 259 6.19 26.08 1.22
C ASP A 259 5.93 24.78 0.45
N MET A 260 5.46 23.76 1.15
CA MET A 260 5.14 22.48 0.51
C MET A 260 3.66 22.41 0.20
N SER A 261 3.34 22.12 -1.06
CA SER A 261 1.96 21.93 -1.47
C SER A 261 1.54 20.49 -1.20
N LEU A 262 0.58 20.31 -0.30
CA LEU A 262 0.06 18.99 0.04
C LEU A 262 -1.21 18.75 -0.78
N HIS A 263 -1.26 17.61 -1.46
CA HIS A 263 -2.38 17.31 -2.34
C HIS A 263 -3.67 17.30 -1.53
N PRO A 264 -4.78 17.80 -2.08
CA PRO A 264 -6.01 17.87 -1.28
C PRO A 264 -6.49 16.54 -0.74
N LEU A 265 -6.28 15.44 -1.48
CA LEU A 265 -6.70 14.14 -0.96
C LEU A 265 -5.86 13.73 0.25
N LEU A 266 -4.56 14.01 0.22
CA LEU A 266 -3.72 13.73 1.39
C LEU A 266 -4.02 14.69 2.54
N GLN A 267 -4.37 15.94 2.22
CA GLN A 267 -4.83 16.84 3.27
C GLN A 267 -6.02 16.27 4.03
N GLU A 268 -6.98 15.67 3.31
CA GLU A 268 -8.11 15.05 4.00
C GLU A 268 -7.64 13.89 4.86
N ILE A 269 -6.77 13.03 4.31
CA ILE A 269 -6.35 11.84 5.02
C ILE A 269 -5.56 12.20 6.26
N TYR A 270 -4.71 13.21 6.16
CA TYR A 270 -3.87 13.57 7.29
C TYR A 270 -4.47 14.62 8.20
N LYS A 271 -5.70 15.05 7.94
CA LYS A 271 -6.33 15.98 8.86
C LYS A 271 -6.50 15.23 10.18
N ASP A 272 -5.78 15.64 11.21
CA ASP A 272 -5.81 14.94 12.50
C ASP A 272 -6.16 15.89 13.65
N PRO B 1 -17.10 18.42 3.03
CA PRO B 1 -16.34 18.37 1.76
C PRO B 1 -15.32 17.24 1.76
N SER B 2 -15.71 16.06 1.28
CA SER B 2 -14.87 14.87 1.38
C SER B 2 -14.56 14.32 0.00
N LEU B 3 -13.28 14.35 -0.35
CA LEU B 3 -12.82 13.68 -1.56
C LEU B 3 -12.95 12.16 -1.44
N LEU B 4 -12.70 11.61 -0.24
CA LEU B 4 -12.89 10.17 -0.05
C LEU B 4 -14.34 9.77 -0.29
N LYS B 5 -15.28 10.57 0.22
CA LYS B 5 -16.68 10.27 -0.01
C LYS B 5 -17.01 10.30 -1.51
N LYS B 6 -16.46 11.26 -2.24
CA LYS B 6 -16.71 11.30 -3.68
C LYS B 6 -16.16 10.05 -4.37
N LEU B 7 -14.96 9.61 -3.99
CA LEU B 7 -14.40 8.40 -4.56
C LEU B 7 -15.29 7.19 -4.24
N LEU B 8 -15.81 7.12 -3.02
CA LEU B 8 -16.63 5.99 -2.60
C LEU B 8 -17.96 5.93 -3.33
N LEU B 9 -18.47 7.06 -3.80
CA LEU B 9 -19.81 7.12 -4.35
C LEU B 9 -19.83 6.94 -5.86
N ALA B 10 -18.67 6.95 -6.50
CA ALA B 10 -18.62 6.79 -7.94
C ALA B 10 -18.72 5.31 -8.28
N PRO B 11 -19.77 4.87 -9.00
CA PRO B 11 -19.78 3.48 -9.44
C PRO B 11 -18.77 3.27 -10.57
#